data_6JIA
#
_entry.id   6JIA
#
_cell.length_a   66.863
_cell.length_b   95.456
_cell.length_c   72.381
_cell.angle_alpha   90.000
_cell.angle_beta   90.000
_cell.angle_gamma   90.000
#
_symmetry.space_group_name_H-M   'C 2 2 21'
#
loop_
_entity.id
_entity.type
_entity.pdbx_description
1 polymer laminarinase
2 branched beta-D-glucopyranose-(1-3)-beta-D-glucopyranose-(1-3)-beta-D-glucopyranose-(1-3)-alpha-D-glucopyranose
3 non-polymer 'CALCIUM ION'
4 water water
#
_entity_poly.entity_id   1
_entity_poly.type   'polypeptide(L)'
_entity_poly.pdbx_seq_one_letter_code
;MQNWTLVWQDEFTNGISSDWVFETGNGNSGWGNNELQYYRRENATVENGNLVITAKRESIGGYNYTSTRMKTQGRKSWKY
GKVEARIAMPSFMGSWPAFWMLGDNISSVGWPACGAIDIMEHVNTEAQTHGTIHWQDHNNTYANYSGSIPVSSVTSYHIY
TIEWDASVIKWFVDGNLYHEASIANGVNGTSEFHNNFFILLNMAIGGNWPGFNIDNNAFPARMLVDYVRVYQKTDLEHHH
HHH
;
_entity_poly.pdbx_strand_id   A
#
loop_
_chem_comp.id
_chem_comp.type
_chem_comp.name
_chem_comp.formula
BGC D-saccharide, beta linking beta-D-glucopyranose 'C6 H12 O6'
CA non-polymer 'CALCIUM ION' 'Ca 2'
GLC D-saccharide, alpha linking alpha-D-glucopyranose 'C6 H12 O6'
#
# COMPACT_ATOMS: atom_id res chain seq x y z
N ASN A 3 9.77 -10.85 22.16
CA ASN A 3 9.05 -11.48 21.01
C ASN A 3 7.97 -10.55 20.46
N TRP A 4 7.58 -10.79 19.21
CA TRP A 4 6.41 -10.15 18.56
C TRP A 4 5.11 -10.69 19.13
N THR A 5 4.15 -9.82 19.46
CA THR A 5 2.77 -10.19 19.89
C THR A 5 1.82 -9.73 18.79
N LEU A 6 0.97 -10.61 18.30
CA LEU A 6 -0.07 -10.26 17.29
C LEU A 6 -1.10 -9.34 17.94
N VAL A 7 -1.30 -8.13 17.40
CA VAL A 7 -2.27 -7.16 17.99
C VAL A 7 -3.44 -6.91 17.05
N TRP A 8 -3.33 -7.21 15.75
CA TRP A 8 -4.52 -7.02 14.86
C TRP A 8 -4.32 -7.87 13.62
N GLN A 9 -5.42 -8.34 13.04
CA GLN A 9 -5.30 -9.07 11.77
C GLN A 9 -6.61 -8.90 11.01
N ASP A 10 -6.52 -9.13 9.71
CA ASP A 10 -7.67 -9.57 8.90
C ASP A 10 -7.20 -10.77 8.08
N GLU A 11 -7.80 -11.93 8.33
CA GLU A 11 -7.47 -13.20 7.64
C GLU A 11 -8.44 -13.40 6.46
N PHE A 12 -9.43 -12.49 6.35
CA PHE A 12 -10.53 -12.49 5.35
C PHE A 12 -11.24 -13.83 5.28
N THR A 13 -11.29 -14.56 6.38
CA THR A 13 -11.78 -15.97 6.39
C THR A 13 -13.30 -15.86 6.28
N ASN A 14 -13.88 -14.95 7.07
CA ASN A 14 -15.34 -14.65 7.08
C ASN A 14 -15.55 -13.19 6.65
N GLY A 15 -15.47 -12.91 5.34
CA GLY A 15 -15.66 -11.56 4.80
C GLY A 15 -14.53 -10.58 5.18
N ILE A 16 -14.76 -9.32 4.88
CA ILE A 16 -13.80 -8.21 5.07
C ILE A 16 -14.13 -7.61 6.43
N SER A 17 -13.15 -7.49 7.30
CA SER A 17 -13.30 -6.88 8.65
C SER A 17 -13.97 -5.51 8.57
N SER A 18 -14.76 -5.18 9.59
CA SER A 18 -15.41 -3.87 9.70
C SER A 18 -14.36 -2.81 10.05
N ASP A 19 -13.10 -3.20 10.30
CA ASP A 19 -11.98 -2.24 10.48
C ASP A 19 -11.54 -1.54 9.19
N TRP A 20 -12.00 -1.98 8.01
CA TRP A 20 -11.70 -1.36 6.71
C TRP A 20 -12.81 -0.39 6.32
N VAL A 21 -12.41 0.78 5.83
CA VAL A 21 -13.27 1.79 5.14
C VAL A 21 -12.83 1.84 3.68
N PHE A 22 -13.77 2.00 2.75
CA PHE A 22 -13.49 2.03 1.28
C PHE A 22 -13.60 3.45 0.72
N GLU A 23 -12.66 3.80 -0.16
CA GLU A 23 -12.69 5.10 -0.86
C GLU A 23 -13.61 4.90 -2.07
N THR A 24 -14.20 5.98 -2.54
CA THR A 24 -14.99 6.05 -3.78
C THR A 24 -14.36 7.09 -4.70
N GLY A 25 -14.31 6.83 -6.01
CA GLY A 25 -13.99 7.86 -7.01
C GLY A 25 -12.51 8.00 -7.31
N ASN A 26 -12.18 9.08 -7.99
CA ASN A 26 -10.83 9.39 -8.55
C ASN A 26 -10.08 10.39 -7.69
N GLY A 27 -10.64 10.80 -6.56
CA GLY A 27 -9.99 11.71 -5.61
C GLY A 27 -9.67 13.06 -6.27
N ASN A 28 -8.61 13.71 -5.81
CA ASN A 28 -8.20 15.06 -6.29
C ASN A 28 -7.06 14.85 -7.28
N SER A 29 -7.29 15.11 -8.58
CA SER A 29 -6.33 14.89 -9.70
C SER A 29 -5.80 13.44 -9.68
N GLY A 30 -6.67 12.45 -9.64
CA GLY A 30 -6.28 11.04 -9.69
C GLY A 30 -5.47 10.68 -8.45
N TRP A 31 -6.05 10.95 -7.28
CA TRP A 31 -5.45 10.63 -5.96
C TRP A 31 -4.07 11.25 -5.88
N GLY A 32 -3.92 12.43 -6.49
CA GLY A 32 -2.67 13.21 -6.48
C GLY A 32 -1.60 12.72 -7.45
N ASN A 33 -1.88 11.73 -8.28
CA ASN A 33 -0.88 11.07 -9.17
C ASN A 33 -1.43 10.93 -10.59
N ASN A 34 -2.51 11.62 -10.92
CA ASN A 34 -3.16 11.52 -12.26
C ASN A 34 -3.58 10.09 -12.56
N GLU A 35 -3.94 9.31 -11.54
CA GLU A 35 -4.41 7.90 -11.76
C GLU A 35 -5.72 7.91 -12.52
N LEU A 36 -6.03 6.82 -13.19
CA LEU A 36 -7.16 6.79 -14.14
C LEU A 36 -8.40 6.12 -13.54
N GLN A 37 -8.29 5.48 -12.38
CA GLN A 37 -9.38 4.61 -11.86
C GLN A 37 -10.34 5.36 -10.92
N TYR A 38 -11.54 4.82 -10.83
CA TYR A 38 -12.61 5.22 -9.89
C TYR A 38 -12.79 4.11 -8.87
N TYR A 39 -12.44 4.38 -7.60
CA TYR A 39 -12.53 3.34 -6.56
C TYR A 39 -14.00 3.08 -6.14
N ARG A 40 -14.29 1.82 -5.82
CA ARG A 40 -15.63 1.35 -5.38
C ARG A 40 -15.46 0.23 -4.37
N ARG A 41 -16.51 0.04 -3.60
CA ARG A 41 -16.69 -1.10 -2.68
C ARG A 41 -16.86 -2.39 -3.47
N GLU A 42 -17.54 -2.34 -4.62
CA GLU A 42 -17.92 -3.55 -5.40
C GLU A 42 -16.70 -4.27 -5.96
N ASN A 43 -15.56 -3.62 -6.06
CA ASN A 43 -14.33 -4.20 -6.68
C ASN A 43 -13.58 -5.07 -5.66
N ALA A 44 -14.05 -5.11 -4.42
CA ALA A 44 -13.53 -5.96 -3.33
C ALA A 44 -14.53 -7.08 -3.00
N THR A 45 -14.05 -8.31 -3.02
CA THR A 45 -14.81 -9.54 -2.73
C THR A 45 -13.91 -10.43 -1.88
N VAL A 46 -14.49 -11.48 -1.31
CA VAL A 46 -13.68 -12.56 -0.65
C VAL A 46 -13.94 -13.86 -1.38
N GLU A 47 -12.86 -14.59 -1.67
CA GLU A 47 -12.93 -15.96 -2.24
C GLU A 47 -11.99 -16.86 -1.45
N ASN A 48 -12.57 -17.89 -0.85
CA ASN A 48 -11.84 -18.95 -0.13
C ASN A 48 -10.78 -18.32 0.77
N GLY A 49 -11.14 -17.38 1.62
CA GLY A 49 -10.23 -16.91 2.69
C GLY A 49 -9.24 -15.87 2.16
N ASN A 50 -9.44 -15.34 0.94
CA ASN A 50 -8.62 -14.26 0.34
C ASN A 50 -9.47 -13.05 0.00
N LEU A 51 -8.98 -11.86 0.33
CA LEU A 51 -9.46 -10.61 -0.28
C LEU A 51 -9.10 -10.63 -1.77
N VAL A 52 -10.06 -10.33 -2.62
CA VAL A 52 -9.83 -10.17 -4.09
C VAL A 52 -10.14 -8.72 -4.43
N ILE A 53 -9.13 -7.96 -4.88
CA ILE A 53 -9.38 -6.60 -5.45
C ILE A 53 -9.30 -6.77 -6.97
N THR A 54 -10.40 -6.51 -7.64
CA THR A 54 -10.48 -6.69 -9.11
C THR A 54 -10.47 -5.32 -9.76
N ALA A 55 -9.48 -5.07 -10.62
CA ALA A 55 -9.50 -3.87 -11.47
C ALA A 55 -10.25 -4.24 -12.77
N LYS A 56 -11.14 -3.36 -13.19
CA LYS A 56 -12.02 -3.64 -14.35
C LYS A 56 -11.99 -2.47 -15.31
N ARG A 57 -12.27 -2.73 -16.58
CA ARG A 57 -12.59 -1.69 -17.58
C ARG A 57 -14.08 -1.45 -17.47
N GLU A 58 -14.45 -0.37 -16.79
CA GLU A 58 -15.81 -0.09 -16.34
C GLU A 58 -15.88 1.44 -16.22
N SER A 59 -16.97 2.01 -16.69
CA SER A 59 -17.14 3.47 -16.83
C SER A 59 -18.11 3.95 -15.74
N ILE A 60 -17.67 4.95 -14.98
CA ILE A 60 -18.48 5.57 -13.91
C ILE A 60 -17.86 6.91 -13.60
N GLY A 61 -18.70 7.92 -13.49
CA GLY A 61 -18.32 9.26 -13.01
C GLY A 61 -17.29 9.94 -13.88
N GLY A 62 -17.22 9.57 -15.15
CA GLY A 62 -16.26 10.14 -16.12
C GLY A 62 -14.95 9.38 -16.22
N TYR A 63 -14.79 8.26 -15.51
CA TYR A 63 -13.57 7.40 -15.50
C TYR A 63 -13.89 6.06 -16.15
N ASN A 64 -12.87 5.40 -16.70
CA ASN A 64 -13.01 4.22 -17.59
C ASN A 64 -12.42 2.98 -16.92
N TYR A 65 -11.92 3.09 -15.67
CA TYR A 65 -11.41 1.91 -14.92
C TYR A 65 -11.93 2.01 -13.48
N THR A 66 -12.18 0.86 -12.87
CA THR A 66 -12.61 0.74 -11.45
C THR A 66 -11.67 -0.21 -10.71
N SER A 67 -11.60 -0.04 -9.39
CA SER A 67 -10.71 -0.82 -8.51
C SER A 67 -11.13 -0.49 -7.09
N THR A 68 -10.30 -0.90 -6.15
CA THR A 68 -10.60 -0.68 -4.70
C THR A 68 -9.40 0.00 -4.05
N ARG A 69 -9.70 0.94 -3.17
CA ARG A 69 -8.73 1.46 -2.19
C ARG A 69 -9.40 1.33 -0.83
N MET A 70 -8.78 0.62 0.11
CA MET A 70 -9.40 0.44 1.42
C MET A 70 -8.34 0.79 2.46
N LYS A 71 -8.79 1.13 3.67
CA LYS A 71 -7.91 1.71 4.68
C LYS A 71 -8.48 1.42 6.07
N THR A 72 -7.62 1.43 7.09
CA THR A 72 -8.09 1.25 8.48
C THR A 72 -8.23 2.62 9.18
N GLN A 73 -8.01 3.71 8.45
CA GLN A 73 -8.09 5.09 8.99
C GLN A 73 -9.38 5.22 9.78
N GLY A 74 -9.25 5.70 11.02
CA GLY A 74 -10.36 5.99 11.91
C GLY A 74 -10.80 4.77 12.70
N ARG A 75 -10.22 3.61 12.44
CA ARG A 75 -10.63 2.33 13.10
C ARG A 75 -9.42 1.76 13.82
N LYS A 76 -8.30 1.59 13.11
CA LYS A 76 -7.09 0.95 13.66
C LYS A 76 -5.86 1.72 13.15
N SER A 77 -4.96 2.01 14.08
CA SER A 77 -3.65 2.59 13.75
C SER A 77 -2.65 2.14 14.83
N TRP A 78 -1.37 2.22 14.49
CA TRP A 78 -0.25 1.72 15.28
C TRP A 78 0.96 2.64 15.15
N LYS A 79 1.67 2.75 16.27
CA LYS A 79 2.99 3.37 16.33
C LYS A 79 3.98 2.24 16.65
N TYR A 80 4.88 1.97 15.71
CA TYR A 80 5.85 0.86 15.70
C TYR A 80 5.11 -0.48 15.54
N GLY A 81 5.86 -1.46 15.01
CA GLY A 81 5.37 -2.84 14.92
C GLY A 81 5.91 -3.56 13.70
N LYS A 82 5.41 -4.75 13.52
CA LYS A 82 5.70 -5.56 12.34
C LYS A 82 4.41 -5.61 11.56
N VAL A 83 4.44 -5.16 10.32
CA VAL A 83 3.20 -5.02 9.53
C VAL A 83 3.40 -5.84 8.27
N GLU A 84 2.52 -6.81 8.03
CA GLU A 84 2.75 -7.70 6.87
C GLU A 84 1.46 -8.15 6.21
N ALA A 85 1.63 -8.48 4.93
CA ALA A 85 0.52 -9.02 4.13
C ALA A 85 1.09 -10.07 3.17
N ARG A 86 0.30 -11.10 2.90
CA ARG A 86 0.67 -12.12 1.90
C ARG A 86 -0.17 -11.81 0.65
N ILE A 87 0.51 -11.43 -0.43
CA ILE A 87 -0.10 -10.80 -1.62
C ILE A 87 0.37 -11.51 -2.89
N ALA A 88 -0.57 -11.69 -3.80
CA ALA A 88 -0.35 -12.11 -5.20
C ALA A 88 -1.00 -11.04 -6.08
N MET A 89 -0.25 -10.42 -6.97
CA MET A 89 -0.75 -9.24 -7.71
C MET A 89 -0.54 -9.45 -9.21
N PRO A 90 -1.37 -8.78 -10.02
CA PRO A 90 -1.25 -8.87 -11.47
C PRO A 90 0.00 -8.09 -11.91
N SER A 91 0.44 -8.35 -13.14
CA SER A 91 1.63 -7.74 -13.76
C SER A 91 1.22 -7.41 -15.20
N PHE A 92 0.98 -6.13 -15.47
CA PHE A 92 0.52 -5.64 -16.80
C PHE A 92 0.75 -4.15 -16.86
N MET A 93 0.87 -3.65 -18.07
CA MET A 93 1.23 -2.24 -18.34
C MET A 93 0.09 -1.35 -17.84
N GLY A 94 0.42 -0.43 -16.94
CA GLY A 94 -0.55 0.47 -16.32
C GLY A 94 -0.84 0.15 -14.86
N SER A 95 -0.49 -1.05 -14.38
CA SER A 95 -0.96 -1.56 -13.07
C SER A 95 -0.13 -0.88 -12.00
N TRP A 96 -0.72 -0.65 -10.84
CA TRP A 96 0.04 -0.02 -9.71
C TRP A 96 -0.59 -0.42 -8.37
N PRO A 97 -0.41 -1.69 -7.97
CA PRO A 97 -0.88 -2.16 -6.65
C PRO A 97 0.01 -1.62 -5.53
N ALA A 98 -0.57 -1.42 -4.34
CA ALA A 98 0.19 -0.92 -3.19
C ALA A 98 -0.38 -1.48 -1.89
N PHE A 99 0.55 -1.70 -0.97
CA PHE A 99 0.31 -2.04 0.44
C PHE A 99 1.15 -1.06 1.25
N TRP A 100 0.49 -0.16 1.96
CA TRP A 100 1.15 1.05 2.52
C TRP A 100 0.43 1.57 3.76
N MET A 101 1.01 2.61 4.30
CA MET A 101 0.56 3.22 5.56
C MET A 101 0.67 4.73 5.44
N LEU A 102 -0.20 5.45 6.13
CA LEU A 102 -0.24 6.93 6.26
C LEU A 102 -0.35 7.28 7.75
N GLY A 103 0.24 8.40 8.14
CA GLY A 103 0.05 8.98 9.48
C GLY A 103 -1.43 9.30 9.69
N ASP A 104 -1.96 8.90 10.84
CA ASP A 104 -3.29 9.29 11.39
C ASP A 104 -3.50 10.80 11.27
N ASN A 105 -2.46 11.60 11.39
CA ASN A 105 -2.61 13.08 11.41
C ASN A 105 -2.71 13.65 10.01
N ILE A 106 -2.84 12.82 8.98
CA ILE A 106 -3.04 13.38 7.62
C ILE A 106 -4.27 14.30 7.61
N SER A 107 -5.30 14.00 8.38
CA SER A 107 -6.57 14.80 8.44
C SER A 107 -6.27 16.25 8.86
N SER A 108 -5.25 16.50 9.70
CA SER A 108 -4.78 17.85 10.17
C SER A 108 -3.66 18.42 9.29
N VAL A 109 -2.58 17.66 9.08
CA VAL A 109 -1.29 18.20 8.53
C VAL A 109 -1.17 17.91 7.03
N GLY A 110 -2.00 17.05 6.47
CA GLY A 110 -1.90 16.64 5.05
C GLY A 110 -0.70 15.74 4.73
N TRP A 111 -0.61 15.34 3.48
CA TRP A 111 0.55 14.63 2.89
C TRP A 111 1.45 15.70 2.24
N PRO A 112 2.80 15.58 2.32
CA PRO A 112 3.48 14.47 2.96
C PRO A 112 3.92 14.69 4.41
N ALA A 113 3.48 15.74 5.09
CA ALA A 113 3.85 15.98 6.53
C ALA A 113 3.49 14.75 7.39
N CYS A 114 2.37 14.09 7.09
CA CYS A 114 1.83 12.94 7.85
C CYS A 114 2.78 11.74 7.77
N GLY A 115 3.60 11.69 6.72
CA GLY A 115 4.44 10.53 6.40
C GLY A 115 3.65 9.42 5.69
N ALA A 116 4.38 8.63 4.91
CA ALA A 116 3.87 7.39 4.30
C ALA A 116 4.97 6.35 4.34
N ILE A 117 4.60 5.11 4.68
CA ILE A 117 5.47 3.92 4.58
C ILE A 117 4.84 3.01 3.54
N ASP A 118 5.42 2.93 2.34
CA ASP A 118 5.00 1.94 1.34
C ASP A 118 5.69 0.62 1.64
N ILE A 119 4.93 -0.37 2.06
CA ILE A 119 5.47 -1.71 2.39
C ILE A 119 5.72 -2.51 1.11
N MET A 120 4.84 -2.34 0.13
CA MET A 120 4.98 -2.96 -1.20
C MET A 120 4.34 -2.02 -2.18
N GLU A 121 5.10 -1.69 -3.23
CA GLU A 121 4.53 -1.18 -4.48
C GLU A 121 5.12 -1.93 -5.66
N HIS A 122 4.34 -2.03 -6.71
CA HIS A 122 4.79 -2.61 -7.98
C HIS A 122 4.13 -1.82 -9.09
N VAL A 123 4.85 -1.67 -10.21
CA VAL A 123 4.30 -1.03 -11.42
C VAL A 123 4.51 -1.92 -12.64
N ASN A 124 3.54 -1.85 -13.54
CA ASN A 124 3.72 -2.36 -14.92
C ASN A 124 4.10 -3.83 -14.85
N THR A 125 5.11 -4.27 -15.58
CA THR A 125 5.54 -5.69 -15.58
C THR A 125 6.93 -5.81 -14.94
N GLU A 126 7.31 -4.90 -14.04
CA GLU A 126 8.65 -4.97 -13.45
C GLU A 126 8.86 -6.32 -12.72
N ALA A 127 10.08 -6.83 -12.76
CA ALA A 127 10.51 -8.08 -12.07
C ALA A 127 11.09 -7.70 -10.70
N GLN A 128 10.52 -6.69 -10.03
CA GLN A 128 10.99 -6.21 -8.70
C GLN A 128 9.83 -5.51 -8.00
N THR A 129 9.90 -5.36 -6.67
CA THR A 129 8.93 -4.61 -5.86
C THR A 129 9.72 -3.59 -5.05
N HIS A 130 9.06 -2.53 -4.62
CA HIS A 130 9.67 -1.32 -4.02
C HIS A 130 9.15 -1.14 -2.60
N GLY A 131 10.03 -0.67 -1.74
CA GLY A 131 9.72 -0.23 -0.37
C GLY A 131 10.23 1.17 -0.18
N THR A 132 9.38 2.07 0.30
CA THR A 132 9.67 3.53 0.31
C THR A 132 9.09 4.21 1.56
N ILE A 133 9.79 5.23 2.07
CA ILE A 133 9.17 6.23 2.98
C ILE A 133 9.10 7.56 2.25
N HIS A 134 8.04 8.29 2.55
CA HIS A 134 7.78 9.65 2.06
C HIS A 134 7.52 10.54 3.25
N TRP A 135 8.05 11.75 3.24
CA TRP A 135 7.90 12.67 4.39
C TRP A 135 8.33 14.08 3.99
N GLN A 136 8.30 14.99 4.96
CA GLN A 136 8.71 16.41 4.86
C GLN A 136 9.94 16.55 5.77
N ASP A 137 11.12 16.83 5.21
CA ASP A 137 12.41 16.77 5.94
C ASP A 137 12.60 18.02 6.79
N HIS A 138 13.77 18.17 7.41
CA HIS A 138 14.06 19.25 8.41
C HIS A 138 13.93 20.63 7.74
N ASN A 139 14.06 20.70 6.42
CA ASN A 139 13.96 21.96 5.64
C ASN A 139 12.55 22.09 5.05
N ASN A 140 11.62 21.22 5.49
CA ASN A 140 10.25 21.18 4.93
C ASN A 140 10.28 20.93 3.41
N THR A 141 11.19 20.09 2.94
CA THR A 141 11.20 19.67 1.51
C THR A 141 10.65 18.24 1.48
N TYR A 142 9.85 17.96 0.46
CA TYR A 142 9.30 16.61 0.24
C TYR A 142 10.50 15.70 -0.02
N ALA A 143 10.61 14.63 0.78
CA ALA A 143 11.71 13.64 0.72
C ALA A 143 11.09 12.25 0.50
N ASN A 144 11.80 11.41 -0.25
CA ASN A 144 11.48 9.95 -0.26
C ASN A 144 12.80 9.18 -0.33
N TYR A 145 12.77 7.97 0.20
CA TYR A 145 13.90 7.03 0.28
C TYR A 145 13.36 5.62 0.05
N SER A 146 13.79 5.04 -1.07
CA SER A 146 13.22 3.84 -1.69
C SER A 146 14.32 2.79 -1.86
N GLY A 147 13.99 1.51 -1.69
CA GLY A 147 14.81 0.39 -2.16
C GLY A 147 13.95 -0.61 -2.90
N SER A 148 14.57 -1.59 -3.54
CA SER A 148 13.81 -2.57 -4.33
C SER A 148 14.47 -3.94 -4.20
N ILE A 149 13.72 -4.99 -4.50
CA ILE A 149 14.21 -6.40 -4.50
C ILE A 149 13.67 -7.09 -5.74
N PRO A 150 14.49 -7.91 -6.43
CA PRO A 150 14.00 -8.73 -7.54
C PRO A 150 12.94 -9.71 -7.05
N VAL A 151 11.85 -9.78 -7.79
CA VAL A 151 10.74 -10.72 -7.57
C VAL A 151 10.38 -11.24 -8.97
N SER A 152 10.69 -12.50 -9.29
CA SER A 152 10.55 -13.06 -10.66
CA SER A 152 10.54 -13.01 -10.67
C SER A 152 9.06 -13.31 -10.93
N SER A 153 8.27 -13.51 -9.86
CA SER A 153 6.83 -13.84 -10.03
C SER A 153 5.93 -13.11 -9.04
N VAL A 154 5.58 -11.85 -9.32
CA VAL A 154 4.73 -11.06 -8.37
C VAL A 154 3.30 -11.62 -8.33
N THR A 155 2.91 -12.34 -9.41
CA THR A 155 1.60 -13.01 -9.58
C THR A 155 1.46 -14.22 -8.63
N SER A 156 2.54 -14.70 -8.05
CA SER A 156 2.54 -15.74 -6.99
C SER A 156 2.47 -15.06 -5.61
N TYR A 157 2.04 -15.77 -4.59
CA TYR A 157 1.97 -15.20 -3.22
C TYR A 157 3.39 -14.91 -2.77
N HIS A 158 3.65 -13.68 -2.34
CA HIS A 158 4.83 -13.36 -1.53
C HIS A 158 4.39 -12.67 -0.22
N ILE A 159 5.24 -12.71 0.80
CA ILE A 159 5.05 -12.03 2.11
C ILE A 159 5.85 -10.71 2.14
N TYR A 160 5.14 -9.60 2.26
CA TYR A 160 5.69 -8.22 2.23
C TYR A 160 5.58 -7.68 3.65
N THR A 161 6.70 -7.31 4.22
CA THR A 161 6.80 -7.01 5.67
C THR A 161 7.56 -5.71 5.91
N ILE A 162 7.16 -4.92 6.91
CA ILE A 162 8.14 -4.01 7.56
C ILE A 162 8.29 -4.39 9.03
N GLU A 163 9.48 -4.13 9.58
CA GLU A 163 9.70 -4.02 11.04
C GLU A 163 10.04 -2.56 11.33
N TRP A 164 9.30 -1.97 12.24
CA TRP A 164 9.33 -0.51 12.56
C TRP A 164 9.46 -0.34 14.06
N ASP A 165 10.52 0.34 14.50
CA ASP A 165 10.74 0.70 15.93
C ASP A 165 11.28 2.12 15.99
N ALA A 166 11.61 2.63 17.19
CA ALA A 166 11.98 4.05 17.37
C ALA A 166 13.32 4.32 16.68
N SER A 167 14.03 3.27 16.22
CA SER A 167 15.36 3.40 15.57
C SER A 167 15.25 3.38 14.05
N VAL A 168 14.44 2.47 13.51
CA VAL A 168 14.63 2.01 12.09
C VAL A 168 13.31 1.47 11.58
N ILE A 169 13.14 1.59 10.26
CA ILE A 169 12.19 0.75 9.49
C ILE A 169 13.01 -0.18 8.58
N LYS A 170 12.73 -1.48 8.62
CA LYS A 170 13.32 -2.50 7.73
C LYS A 170 12.23 -3.09 6.84
N TRP A 171 12.54 -3.29 5.56
CA TRP A 171 11.62 -3.94 4.60
C TRP A 171 12.10 -5.34 4.22
N PHE A 172 11.16 -6.26 4.08
CA PHE A 172 11.45 -7.67 3.74
C PHE A 172 10.43 -8.14 2.70
N VAL A 173 10.89 -8.98 1.79
CA VAL A 173 10.00 -9.88 1.00
C VAL A 173 10.42 -11.34 1.26
N ASP A 174 9.49 -12.17 1.72
CA ASP A 174 9.76 -13.58 2.06
C ASP A 174 10.89 -13.67 3.10
N GLY A 175 10.95 -12.72 4.02
CA GLY A 175 11.99 -12.66 5.08
C GLY A 175 13.34 -12.15 4.60
N ASN A 176 13.45 -11.76 3.34
CA ASN A 176 14.71 -11.22 2.77
C ASN A 176 14.74 -9.69 2.93
N LEU A 177 15.70 -9.19 3.71
CA LEU A 177 15.85 -7.74 3.98
C LEU A 177 16.42 -7.07 2.74
N TYR A 178 15.85 -5.96 2.27
CA TYR A 178 16.29 -5.31 1.01
C TYR A 178 16.36 -3.78 1.16
N HIS A 179 15.83 -3.21 2.23
CA HIS A 179 15.74 -1.74 2.40
C HIS A 179 15.62 -1.47 3.89
N GLU A 180 16.22 -0.40 4.31
CA GLU A 180 16.24 0.03 5.72
C GLU A 180 16.35 1.56 5.74
N ALA A 181 15.74 2.21 6.72
CA ALA A 181 15.78 3.68 6.86
C ALA A 181 15.87 3.99 8.34
N SER A 182 16.91 4.68 8.77
CA SER A 182 17.00 5.21 10.15
C SER A 182 15.93 6.30 10.34
N ILE A 183 15.20 6.24 11.44
CA ILE A 183 14.33 7.34 11.92
C ILE A 183 14.83 7.71 13.35
N ALA A 184 15.96 7.19 13.79
CA ALA A 184 16.52 7.50 15.14
C ALA A 184 16.67 9.02 15.27
N ASN A 185 16.13 9.60 16.34
CA ASN A 185 16.26 11.05 16.64
C ASN A 185 15.64 11.89 15.51
N GLY A 186 14.73 11.35 14.71
CA GLY A 186 14.17 12.16 13.63
C GLY A 186 15.22 12.61 12.62
N VAL A 187 16.27 11.80 12.41
CA VAL A 187 17.37 12.09 11.45
C VAL A 187 16.76 12.33 10.06
N ASN A 188 17.30 13.28 9.31
CA ASN A 188 16.78 13.72 7.99
C ASN A 188 15.31 14.18 8.10
N GLY A 189 14.87 14.63 9.29
CA GLY A 189 13.53 15.21 9.49
C GLY A 189 12.42 14.15 9.57
N THR A 190 12.77 12.93 9.99
CA THR A 190 11.85 11.76 10.06
C THR A 190 11.03 11.71 11.35
N SER A 191 10.80 12.84 12.01
CA SER A 191 10.06 12.92 13.31
C SER A 191 8.68 12.29 13.17
N GLU A 192 8.04 12.34 11.99
CA GLU A 192 6.61 12.00 11.94
C GLU A 192 6.45 10.48 11.81
N PHE A 193 7.53 9.71 11.72
CA PHE A 193 7.45 8.23 11.78
C PHE A 193 7.45 7.77 13.26
N HIS A 194 7.37 8.72 14.21
CA HIS A 194 7.16 8.40 15.66
C HIS A 194 5.72 8.71 16.05
N ASN A 195 4.78 8.54 15.12
CA ASN A 195 3.32 8.76 15.31
C ASN A 195 2.57 7.48 14.91
N ASN A 196 1.26 7.43 15.17
CA ASN A 196 0.38 6.31 14.74
C ASN A 196 0.15 6.42 13.22
N PHE A 197 0.14 5.28 12.57
CA PHE A 197 -0.13 5.12 11.13
C PHE A 197 -1.21 4.06 10.97
N PHE A 198 -1.98 4.23 9.91
CA PHE A 198 -3.05 3.29 9.49
C PHE A 198 -2.62 2.62 8.18
N ILE A 199 -3.28 1.51 7.83
CA ILE A 199 -2.89 0.66 6.66
C ILE A 199 -3.81 1.00 5.50
N LEU A 200 -3.27 0.96 4.28
CA LEU A 200 -4.07 0.98 3.04
C LEU A 200 -3.71 -0.22 2.15
N LEU A 201 -4.69 -0.64 1.35
CA LEU A 201 -4.46 -1.56 0.23
C LEU A 201 -5.15 -0.96 -0.99
N ASN A 202 -4.49 -0.97 -2.14
CA ASN A 202 -5.20 -0.55 -3.36
C ASN A 202 -4.54 -1.15 -4.58
N MET A 203 -5.24 -1.01 -5.71
CA MET A 203 -4.63 -1.18 -7.07
C MET A 203 -5.07 0.00 -7.94
N ALA A 204 -4.15 0.92 -8.21
CA ALA A 204 -4.36 2.06 -9.12
C ALA A 204 -4.13 1.56 -10.55
N ILE A 205 -4.72 2.27 -11.49
CA ILE A 205 -4.52 2.06 -12.96
C ILE A 205 -3.99 3.37 -13.55
N GLY A 206 -2.75 3.32 -14.03
CA GLY A 206 -2.04 4.51 -14.56
C GLY A 206 -1.65 5.49 -13.48
N GLY A 207 -1.02 6.59 -13.90
CA GLY A 207 -0.48 7.60 -12.97
C GLY A 207 0.94 7.97 -13.30
N ASN A 208 1.50 8.95 -12.59
CA ASN A 208 2.77 9.60 -12.97
C ASN A 208 3.88 8.53 -13.03
N TRP A 209 3.90 7.62 -12.06
CA TRP A 209 4.96 6.58 -11.97
C TRP A 209 4.77 5.46 -12.98
N PRO A 210 3.66 4.69 -13.00
CA PRO A 210 3.56 3.60 -13.97
C PRO A 210 3.40 4.10 -15.41
N GLY A 211 2.91 5.32 -15.56
CA GLY A 211 2.60 5.87 -16.88
C GLY A 211 1.17 5.63 -17.33
N PHE A 212 0.88 5.95 -18.59
CA PHE A 212 -0.49 6.00 -19.14
C PHE A 212 -0.58 5.11 -20.38
N ASN A 213 0.35 4.20 -20.54
CA ASN A 213 0.27 3.07 -21.49
C ASN A 213 -0.43 1.95 -20.71
N ILE A 214 -1.69 1.72 -20.98
CA ILE A 214 -2.53 0.73 -20.25
C ILE A 214 -2.73 -0.46 -21.17
N ASP A 215 -2.46 -1.66 -20.65
CA ASP A 215 -2.81 -2.92 -21.36
C ASP A 215 -4.31 -3.19 -21.20
N ASN A 216 -5.16 -2.71 -22.11
CA ASN A 216 -6.63 -2.85 -21.98
C ASN A 216 -7.03 -4.34 -22.12
N ASN A 217 -6.13 -5.20 -22.57
CA ASN A 217 -6.44 -6.65 -22.71
C ASN A 217 -6.08 -7.42 -21.42
N ALA A 218 -5.65 -6.74 -20.34
CA ALA A 218 -5.29 -7.38 -19.05
C ALA A 218 -6.44 -7.33 -18.04
N PHE A 219 -7.61 -6.83 -18.44
CA PHE A 219 -8.78 -6.63 -17.55
C PHE A 219 -9.78 -7.74 -17.87
N PRO A 220 -10.47 -8.26 -16.83
CA PRO A 220 -10.24 -7.85 -15.43
C PRO A 220 -8.99 -8.46 -14.82
N ALA A 221 -8.47 -7.81 -13.78
CA ALA A 221 -7.18 -8.20 -13.22
C ALA A 221 -7.36 -8.28 -11.72
N ARG A 222 -6.77 -9.28 -11.09
CA ARG A 222 -7.02 -9.58 -9.68
C ARG A 222 -5.76 -9.45 -8.86
N MET A 223 -5.90 -8.80 -7.72
CA MET A 223 -4.90 -8.84 -6.63
C MET A 223 -5.49 -9.62 -5.45
N LEU A 224 -4.81 -10.66 -4.98
CA LEU A 224 -5.32 -11.48 -3.87
C LEU A 224 -4.46 -11.21 -2.62
N VAL A 225 -5.13 -11.05 -1.50
CA VAL A 225 -4.48 -10.81 -0.19
C VAL A 225 -5.01 -11.86 0.77
N ASP A 226 -4.13 -12.78 1.13
CA ASP A 226 -4.43 -13.92 2.01
C ASP A 226 -4.66 -13.37 3.43
N TYR A 227 -3.84 -12.41 3.88
CA TYR A 227 -4.02 -11.78 5.22
C TYR A 227 -3.26 -10.46 5.29
N VAL A 228 -3.62 -9.64 6.28
CA VAL A 228 -2.84 -8.49 6.77
C VAL A 228 -2.70 -8.71 8.30
N ARG A 229 -1.51 -8.52 8.84
CA ARG A 229 -1.28 -8.73 10.30
C ARG A 229 -0.42 -7.61 10.83
N VAL A 230 -0.63 -7.27 12.09
CA VAL A 230 0.24 -6.32 12.80
C VAL A 230 0.62 -6.98 14.12
N TYR A 231 1.92 -6.96 14.39
CA TYR A 231 2.51 -7.43 15.66
C TYR A 231 3.15 -6.23 16.31
N GLN A 232 3.24 -6.27 17.64
CA GLN A 232 4.05 -5.26 18.36
C GLN A 232 4.80 -5.93 19.52
N LYS A 233 5.79 -5.25 20.03
CA LYS A 233 6.55 -5.63 21.26
C LYS A 233 5.83 -5.05 22.48
C1 GLC B . 3.04 6.50 -2.04
C2 GLC B . 2.59 7.73 -2.82
C3 GLC B . 1.10 7.86 -2.86
C4 GLC B . 0.49 6.61 -3.43
C5 GLC B . 0.90 5.41 -2.49
C6 GLC B . 0.40 4.05 -3.02
O1 GLC B . 2.87 6.68 -0.63
O2 GLC B . 3.29 8.82 -2.34
O3 GLC B . 0.76 8.99 -3.68
O4 GLC B . -0.90 6.75 -3.59
O5 GLC B . 2.35 5.36 -2.56
O6 GLC B . 0.85 3.78 -4.36
C2 BGC B . 0.10 11.39 -3.84
C3 BGC B . -0.22 12.58 -2.98
C4 BGC B . -1.33 12.23 -1.99
C5 BGC B . -0.91 10.99 -1.11
C6 BGC B . -2.10 10.46 -0.21
C1 BGC B . 0.49 10.21 -2.90
O2 BGC B . 1.25 11.63 -4.59
O3 BGC B . -0.64 13.57 -3.91
O4 BGC B . -1.68 13.29 -1.08
O5 BGC B . -0.61 9.89 -2.04
O6 BGC B . -3.21 10.04 -1.08
C2 BGC B . -0.26 15.70 -4.84
C3 BGC B . 0.25 17.09 -4.52
C4 BGC B . -0.51 17.73 -3.37
C5 BGC B . -0.40 16.73 -2.17
C6 BGC B . -1.04 17.15 -0.80
C1 BGC B . -0.13 14.88 -3.55
O2 BGC B . 0.57 15.14 -5.76
O3 BGC B . 0.04 17.92 -5.71
O4 BGC B . 0.09 18.96 -3.14
O5 BGC B . -0.98 15.47 -2.53
O6 BGC B . -2.36 17.53 -1.19
C2 BGC B . 0.97 18.83 -7.75
C3 BGC B . 2.22 19.40 -8.37
C4 BGC B . 2.93 20.35 -7.48
C5 BGC B . 3.11 19.80 -6.03
C6 BGC B . 3.67 20.87 -5.03
C1 BGC B . 1.24 18.27 -6.35
O2 BGC B . 0.47 17.83 -8.58
O3 BGC B . 1.90 20.04 -9.54
O4 BGC B . 4.17 20.65 -8.04
O5 BGC B . 1.79 19.34 -5.54
O6 BGC B . 2.58 21.63 -4.46
CA CA C . -6.77 -15.71 4.48
#